data_6JJ4
#
_entry.id   6JJ4
#
_cell.length_a   65.890
_cell.length_b   65.890
_cell.length_c   170.621
_cell.angle_alpha   90.00
_cell.angle_beta   90.00
_cell.angle_gamma   120.00
#
_symmetry.space_group_name_H-M   'P 31 2 1'
#
loop_
_entity.id
_entity.type
_entity.pdbx_description
1 polymer Hexokinase-6
2 water water
#
_entity_poly.entity_id   1
_entity_poly.type   'polypeptide(L)'
_entity_poly.pdbx_seq_one_letter_code
;ERRRRAAAVIEEVEQRFSTPTALLRGIADAMVEEMERGLRADPHAPLKMLISYVDNLPTGDEHGLFYALDLGGTNFRVIR
VQLGGREKRVVSQQYEEVAIPPHLMVGTSMELFDFIAAELESFVKTEGEDFHLPEGRQRELGFTFSFPVHQTSISSGTLI
KWTKGFSINGTVGEDVVAELSRAMERQGLDMKVTALVNDTVGTLAGGRYVDNDVAAAVILGTGTNAAYVEHANAIPKWTG
LLPRSGNMVINMEWGNFKSERLPRSDYDNALDFESLNPGEQIYEKMISGMYLGEIVRRILLKLAHDASLFGDVVPTKLEQ
RFILRTPDMSAMHHDTSHDLKHLGAKLKDILGVADTSLEARYITLHVCDLVAERGARLAAAGIYGILKKLGRDRVPSDGS
QKQRTVIALDGGLYEHYKKFRTCLEATLADLLGEEAASSVVVKLANDGSGIGAALLAASHSQYASVE
;
_entity_poly.pdbx_strand_id   A
#
# COMPACT_ATOMS: atom_id res chain seq x y z
N ALA A 6 -21.28 6.54 36.32
CA ALA A 6 -21.03 6.78 34.91
C ALA A 6 -19.54 6.63 34.58
N ALA A 7 -19.18 5.89 33.53
CA ALA A 7 -20.05 5.16 32.62
C ALA A 7 -19.08 4.41 31.70
N ALA A 8 -19.58 3.39 31.00
CA ALA A 8 -18.76 2.56 30.12
C ALA A 8 -19.26 2.61 28.70
N VAL A 9 -18.79 3.62 27.99
CA VAL A 9 -19.10 3.85 26.60
C VAL A 9 -18.18 3.02 25.74
N ILE A 10 -17.26 2.31 26.37
CA ILE A 10 -16.32 1.48 25.69
C ILE A 10 -17.00 0.24 25.12
N GLU A 11 -17.64 -0.53 25.98
CA GLU A 11 -18.29 -1.74 25.54
C GLU A 11 -19.08 -1.68 24.26
N GLU A 12 -19.52 -0.51 23.81
CA GLU A 12 -20.21 -0.46 22.54
C GLU A 12 -19.16 -0.53 21.49
N VAL A 13 -18.01 0.04 21.79
CA VAL A 13 -16.89 0.08 20.89
C VAL A 13 -16.27 -1.29 20.85
N GLU A 14 -16.19 -1.86 22.00
CA GLU A 14 -15.55 -3.16 22.12
C GLU A 14 -16.30 -4.25 21.37
N GLN A 15 -17.37 -3.89 20.67
CA GLN A 15 -18.17 -4.89 19.96
C GLN A 15 -18.56 -4.44 18.56
N ARG A 16 -18.70 -3.13 18.32
CA ARG A 16 -18.89 -2.67 16.95
C ARG A 16 -17.61 -2.83 16.14
N PHE A 17 -16.47 -2.91 16.82
CA PHE A 17 -15.17 -3.15 16.21
C PHE A 17 -14.76 -4.61 16.19
N SER A 18 -15.38 -5.43 17.02
CA SER A 18 -14.86 -6.79 17.26
C SER A 18 -14.92 -7.63 16.00
N THR A 19 -13.82 -8.35 15.74
CA THR A 19 -13.67 -9.17 14.54
C THR A 19 -13.40 -10.61 14.96
N PRO A 20 -14.44 -11.36 15.33
CA PRO A 20 -14.25 -12.78 15.58
C PRO A 20 -13.91 -13.51 14.29
N THR A 21 -13.17 -14.61 14.43
CA THR A 21 -12.65 -15.32 13.25
C THR A 21 -13.76 -15.67 12.27
N ALA A 22 -14.97 -15.98 12.76
CA ALA A 22 -16.07 -16.34 11.89
C ALA A 22 -16.48 -15.16 10.99
N LEU A 23 -16.46 -13.94 11.53
CA LEU A 23 -16.71 -12.78 10.69
C LEU A 23 -15.57 -12.56 9.70
N LEU A 24 -14.33 -12.70 10.17
CA LEU A 24 -13.18 -12.61 9.26
C LEU A 24 -13.29 -13.61 8.12
N ARG A 25 -13.88 -14.78 8.38
CA ARG A 25 -14.05 -15.75 7.30
C ARG A 25 -15.10 -15.28 6.30
N GLY A 26 -16.17 -14.64 6.77
CA GLY A 26 -17.18 -14.13 5.85
C GLY A 26 -16.64 -13.02 4.98
N ILE A 27 -15.80 -12.15 5.55
CA ILE A 27 -15.25 -11.03 4.81
C ILE A 27 -14.28 -11.51 3.75
N ALA A 28 -13.47 -12.52 4.05
CA ALA A 28 -12.57 -13.06 3.05
C ALA A 28 -13.33 -13.66 1.87
N ASP A 29 -14.44 -14.36 2.14
CA ASP A 29 -15.23 -14.91 1.05
C ASP A 29 -15.83 -13.80 0.19
N ALA A 30 -16.24 -12.71 0.82
CA ALA A 30 -16.70 -11.53 0.10
C ALA A 30 -15.58 -10.94 -0.75
N MET A 31 -14.36 -10.89 -0.19
CA MET A 31 -13.21 -10.43 -0.96
C MET A 31 -12.94 -11.36 -2.14
N VAL A 32 -13.02 -12.66 -1.93
CA VAL A 32 -12.79 -13.61 -3.01
C VAL A 32 -13.84 -13.44 -4.11
N GLU A 33 -15.02 -13.08 -3.70
CA GLU A 33 -16.17 -12.89 -4.53
C GLU A 33 -16.16 -11.62 -5.31
N GLU A 34 -15.67 -10.57 -4.72
CA GLU A 34 -15.47 -9.33 -5.45
C GLU A 34 -14.27 -9.40 -6.40
N MET A 35 -13.29 -10.25 -6.08
CA MET A 35 -12.16 -10.45 -6.97
C MET A 35 -12.57 -11.18 -8.25
N GLU A 36 -13.45 -12.17 -8.13
CA GLU A 36 -14.00 -12.81 -9.33
C GLU A 36 -14.86 -11.85 -10.14
N ARG A 37 -15.49 -10.86 -9.48
CA ARG A 37 -16.29 -9.90 -10.24
C ARG A 37 -15.41 -8.89 -10.97
N GLY A 38 -14.28 -8.51 -10.39
CA GLY A 38 -13.39 -7.57 -11.04
C GLY A 38 -12.61 -8.15 -12.20
N LEU A 39 -12.67 -9.44 -12.36
CA LEU A 39 -11.96 -10.05 -13.44
C LEU A 39 -12.83 -10.50 -14.58
N ARG A 40 -14.08 -10.07 -14.60
CA ARG A 40 -15.06 -10.56 -15.57
C ARG A 40 -15.42 -9.84 -16.87
N ALA A 41 -15.82 -8.59 -16.86
CA ALA A 41 -16.02 -7.75 -15.71
C ALA A 41 -16.83 -6.67 -16.38
N ASP A 42 -17.67 -5.95 -15.67
CA ASP A 42 -17.81 -6.12 -14.24
C ASP A 42 -19.09 -6.81 -13.87
N PRO A 43 -20.31 -6.14 -13.91
CA PRO A 43 -20.33 -4.73 -14.30
C PRO A 43 -20.15 -3.57 -13.29
N HIS A 44 -20.27 -3.73 -11.98
CA HIS A 44 -20.02 -2.58 -11.13
C HIS A 44 -19.03 -2.85 -10.06
N ALA A 45 -18.31 -3.94 -10.21
CA ALA A 45 -17.33 -4.35 -9.23
C ALA A 45 -16.53 -3.21 -8.61
N PRO A 46 -16.46 -3.17 -7.29
CA PRO A 46 -15.69 -2.09 -6.69
C PRO A 46 -14.19 -2.39 -6.66
N LEU A 47 -13.80 -3.55 -7.14
CA LEU A 47 -12.43 -3.90 -7.21
C LEU A 47 -12.15 -3.89 -8.71
N LYS A 48 -11.40 -2.92 -9.20
CA LYS A 48 -11.10 -2.85 -10.61
C LYS A 48 -10.21 -3.98 -11.02
N MET A 49 -9.49 -4.51 -10.07
CA MET A 49 -8.66 -5.65 -10.35
C MET A 49 -7.99 -5.53 -11.67
N LEU A 50 -7.27 -4.44 -11.87
CA LEU A 50 -6.58 -4.14 -13.11
C LEU A 50 -5.46 -5.00 -13.56
N ILE A 51 -5.42 -5.27 -14.84
CA ILE A 51 -4.35 -6.03 -15.44
C ILE A 51 -3.20 -5.08 -15.49
N SER A 52 -2.06 -5.61 -15.18
CA SER A 52 -0.89 -4.85 -15.08
C SER A 52 0.00 -5.04 -16.25
N TYR A 53 -0.26 -6.09 -17.01
CA TYR A 53 0.55 -6.54 -18.14
C TYR A 53 1.95 -6.98 -17.73
N VAL A 54 2.13 -7.28 -16.44
CA VAL A 54 3.35 -7.87 -15.92
C VAL A 54 3.10 -9.37 -15.80
N ASP A 55 3.58 -10.14 -16.77
CA ASP A 55 3.53 -11.59 -16.71
C ASP A 55 4.89 -12.24 -16.50
N ASN A 56 5.96 -11.45 -16.52
CA ASN A 56 7.30 -11.93 -16.20
C ASN A 56 7.88 -11.07 -15.10
N LEU A 57 8.19 -11.69 -13.98
CA LEU A 57 8.72 -11.06 -12.78
C LEU A 57 10.21 -11.26 -12.68
N PRO A 58 10.91 -10.42 -11.90
CA PRO A 58 12.35 -10.60 -11.73
C PRO A 58 12.67 -11.94 -11.08
N THR A 59 13.78 -12.53 -11.52
CA THR A 59 14.21 -13.85 -11.05
C THR A 59 15.34 -13.78 -10.04
N GLY A 60 16.32 -12.90 -10.25
CA GLY A 60 17.48 -12.83 -9.39
C GLY A 60 18.78 -12.93 -10.16
N ASP A 61 18.70 -13.47 -11.38
CA ASP A 61 19.85 -13.64 -12.26
C ASP A 61 20.02 -12.45 -13.22
N GLU A 62 19.59 -11.26 -12.81
CA GLU A 62 19.71 -10.08 -13.64
C GLU A 62 21.02 -9.34 -13.39
N HIS A 63 21.54 -8.72 -14.45
CA HIS A 63 22.80 -8.00 -14.42
C HIS A 63 22.63 -6.60 -14.98
N GLY A 64 23.38 -5.64 -14.44
CA GLY A 64 23.55 -4.35 -15.08
C GLY A 64 22.85 -3.23 -14.33
N LEU A 65 23.01 -2.03 -14.91
CA LEU A 65 22.45 -0.80 -14.35
C LEU A 65 21.00 -0.65 -14.77
N PHE A 66 20.16 -0.20 -13.83
CA PHE A 66 18.76 0.04 -14.15
C PHE A 66 18.24 1.17 -13.27
N TYR A 67 17.39 2.01 -13.86
CA TYR A 67 16.91 3.22 -13.20
C TYR A 67 15.42 3.09 -12.88
N ALA A 68 14.91 4.07 -12.14
CA ALA A 68 13.51 4.06 -11.76
C ALA A 68 13.09 5.46 -11.33
N LEU A 69 11.90 5.85 -11.73
CA LEU A 69 11.31 7.11 -11.38
C LEU A 69 10.03 6.88 -10.65
N ASP A 70 9.83 7.58 -9.57
CA ASP A 70 8.65 7.44 -8.77
C ASP A 70 7.98 8.74 -8.52
N LEU A 71 6.92 8.98 -9.25
CA LEU A 71 6.09 10.12 -9.12
C LEU A 71 4.90 9.76 -8.29
N GLY A 72 4.98 10.07 -7.01
CA GLY A 72 3.94 9.73 -6.10
C GLY A 72 3.11 10.84 -5.59
N GLY A 73 3.67 12.02 -5.52
CA GLY A 73 2.91 13.16 -5.07
C GLY A 73 3.69 14.46 -5.15
N THR A 74 3.74 15.21 -4.05
CA THR A 74 4.53 16.43 -4.01
C THR A 74 6.00 16.15 -4.28
N ASN A 75 6.49 15.00 -3.85
CA ASN A 75 7.87 14.61 -4.10
C ASN A 75 7.92 13.50 -5.14
N PHE A 76 9.02 13.46 -5.89
CA PHE A 76 9.37 12.29 -6.67
C PHE A 76 10.77 11.85 -6.31
N ARG A 77 11.03 10.55 -6.47
CA ARG A 77 12.33 9.97 -6.20
C ARG A 77 12.91 9.34 -7.47
N VAL A 78 14.22 9.39 -7.60
CA VAL A 78 14.94 8.82 -8.73
C VAL A 78 15.93 7.79 -8.20
N ILE A 79 15.88 6.59 -8.77
CA ILE A 79 16.58 5.43 -8.22
C ILE A 79 17.47 4.83 -9.30
N ARG A 80 18.70 4.47 -8.91
CA ARG A 80 19.54 3.64 -9.76
C ARG A 80 20.13 2.53 -8.91
N VAL A 81 20.08 1.31 -9.45
CA VAL A 81 20.63 0.13 -8.80
C VAL A 81 21.57 -0.56 -9.77
N GLN A 82 22.55 -1.27 -9.22
CA GLN A 82 23.52 -2.00 -10.02
C GLN A 82 23.40 -3.47 -9.64
N LEU A 83 22.93 -4.29 -10.58
CA LEU A 83 22.67 -5.69 -10.30
C LEU A 83 23.85 -6.55 -10.75
N GLY A 84 24.13 -7.59 -9.98
CA GLY A 84 25.30 -8.40 -10.26
C GLY A 84 25.07 -9.91 -10.30
N GLY A 85 23.89 -10.31 -10.71
CA GLY A 85 23.56 -11.69 -10.79
C GLY A 85 23.08 -12.30 -9.51
N ARG A 86 22.83 -13.60 -9.58
CA ARG A 86 22.34 -14.41 -8.50
C ARG A 86 23.17 -14.41 -7.27
N GLU A 87 24.46 -14.25 -7.41
CA GLU A 87 25.33 -14.26 -6.27
C GLU A 87 25.34 -12.96 -5.53
N LYS A 88 25.69 -11.90 -6.20
CA LYS A 88 25.80 -10.61 -5.51
C LYS A 88 24.49 -9.83 -5.49
N ARG A 89 23.61 -10.05 -6.46
CA ARG A 89 22.28 -9.42 -6.52
C ARG A 89 22.48 -7.91 -6.59
N VAL A 90 21.80 -7.12 -5.79
CA VAL A 90 21.92 -5.66 -5.85
C VAL A 90 23.27 -5.28 -5.23
N VAL A 91 24.24 -4.97 -6.09
CA VAL A 91 25.60 -4.74 -5.62
C VAL A 91 25.82 -3.25 -5.37
N SER A 92 24.93 -2.42 -5.91
CA SER A 92 24.99 -0.98 -5.71
C SER A 92 23.62 -0.38 -5.90
N GLN A 93 23.37 0.71 -5.20
CA GLN A 93 22.13 1.47 -5.33
C GLN A 93 22.30 2.80 -4.60
N GLN A 94 21.70 3.84 -5.20
CA GLN A 94 21.60 5.15 -4.58
C GLN A 94 20.38 5.83 -5.18
N TYR A 95 19.98 6.94 -4.56
CA TYR A 95 18.76 7.63 -4.97
C TYR A 95 18.76 9.03 -4.36
N GLU A 96 18.25 9.99 -5.12
CA GLU A 96 17.95 11.33 -4.62
C GLU A 96 16.43 11.48 -4.54
N GLU A 97 15.98 12.56 -3.88
CA GLU A 97 14.56 12.84 -3.78
C GLU A 97 14.35 14.33 -4.02
N VAL A 98 13.45 14.65 -4.95
CA VAL A 98 13.23 16.02 -5.39
C VAL A 98 11.77 16.39 -5.15
N ALA A 99 11.56 17.52 -4.47
CA ALA A 99 10.22 18.04 -4.25
C ALA A 99 9.78 18.91 -5.42
N ILE A 100 8.53 18.72 -5.84
CA ILE A 100 7.97 19.48 -6.94
C ILE A 100 7.56 20.87 -6.44
N PRO A 101 8.05 21.93 -7.08
CA PRO A 101 7.56 23.28 -6.77
C PRO A 101 6.06 23.36 -6.95
N PRO A 102 5.36 24.05 -6.05
CA PRO A 102 3.89 24.13 -6.18
C PRO A 102 3.43 24.82 -7.45
N HIS A 103 4.27 25.63 -8.09
CA HIS A 103 3.88 26.23 -9.36
C HIS A 103 3.82 25.20 -10.48
N LEU A 104 4.51 24.07 -10.33
CA LEU A 104 4.54 23.03 -11.35
C LEU A 104 3.40 22.02 -11.23
N MET A 105 2.74 21.95 -10.11
CA MET A 105 1.70 20.99 -10.00
C MET A 105 0.34 21.50 -10.42
N VAL A 106 0.34 22.66 -11.02
CA VAL A 106 -0.86 23.37 -11.42
C VAL A 106 -0.69 24.09 -12.73
N GLY A 107 0.43 23.83 -13.38
CA GLY A 107 0.84 24.38 -14.65
C GLY A 107 0.47 23.52 -15.83
N THR A 108 1.37 23.37 -16.78
CA THR A 108 1.06 22.61 -17.96
C THR A 108 1.72 21.33 -17.77
N SER A 109 1.52 20.46 -18.72
CA SER A 109 2.04 19.13 -18.68
C SER A 109 3.48 19.04 -19.05
N MET A 110 3.92 19.80 -20.02
CA MET A 110 5.28 19.74 -20.44
C MET A 110 6.11 20.38 -19.36
N GLU A 111 5.55 21.36 -18.69
CA GLU A 111 6.27 22.06 -17.62
C GLU A 111 6.68 21.10 -16.51
N LEU A 112 5.70 20.32 -16.01
CA LEU A 112 5.97 19.36 -14.95
C LEU A 112 6.93 18.27 -15.42
N PHE A 113 6.69 17.73 -16.62
CA PHE A 113 7.51 16.61 -17.08
C PHE A 113 8.88 17.07 -17.57
N ASP A 114 9.00 18.32 -18.04
CA ASP A 114 10.32 18.88 -18.30
C ASP A 114 11.12 18.99 -17.01
N PHE A 115 10.50 19.49 -15.94
CA PHE A 115 11.17 19.56 -14.65
C PHE A 115 11.58 18.17 -14.16
N ILE A 116 10.63 17.23 -14.20
CA ILE A 116 10.92 15.86 -13.77
C ILE A 116 12.07 15.28 -14.59
N ALA A 117 11.92 15.29 -15.92
CA ALA A 117 12.93 14.67 -16.77
C ALA A 117 14.28 15.36 -16.63
N ALA A 118 14.28 16.69 -16.48
CA ALA A 118 15.54 17.42 -16.34
C ALA A 118 16.23 17.06 -15.02
N GLU A 119 15.45 16.96 -13.94
CA GLU A 119 16.04 16.56 -12.67
C GLU A 119 16.62 15.16 -12.75
N LEU A 120 15.96 14.26 -13.48
CA LEU A 120 16.47 12.90 -13.62
C LEU A 120 17.81 12.88 -14.33
N GLU A 121 17.91 13.57 -15.47
CA GLU A 121 19.16 13.55 -16.23
C GLU A 121 20.26 14.30 -15.48
N SER A 122 19.89 15.34 -14.73
CA SER A 122 20.83 15.92 -13.78
C SER A 122 21.40 14.85 -12.87
N PHE A 123 20.53 13.97 -12.37
CA PHE A 123 20.96 12.84 -11.55
C PHE A 123 21.64 11.76 -12.37
N VAL A 124 21.27 11.61 -13.64
CA VAL A 124 21.83 10.55 -14.47
C VAL A 124 23.33 10.71 -14.64
N LYS A 125 23.83 11.96 -14.68
CA LYS A 125 25.25 12.20 -14.90
C LYS A 125 25.99 12.53 -13.60
N THR A 126 25.72 11.75 -12.56
CA THR A 126 26.40 11.85 -11.31
C THR A 126 26.79 10.45 -10.84
N GLU A 127 26.87 9.51 -11.75
CA GLU A 127 27.17 8.11 -11.48
C GLU A 127 28.43 7.65 -10.75
N GLY A 128 28.58 6.34 -10.59
CA GLY A 128 29.67 5.68 -9.86
C GLY A 128 30.79 4.97 -10.58
N GLU A 129 31.15 3.69 -10.33
CA GLU A 129 30.58 2.73 -9.37
C GLU A 129 29.30 2.10 -9.84
N ASP A 130 28.61 2.85 -10.66
CA ASP A 130 27.39 2.39 -11.22
C ASP A 130 27.91 2.31 -12.60
N PHE A 131 27.47 1.32 -13.34
CA PHE A 131 27.94 1.17 -14.67
C PHE A 131 27.18 0.16 -15.45
N HIS A 132 27.12 0.40 -16.71
CA HIS A 132 26.56 -0.59 -17.61
C HIS A 132 27.49 -0.68 -18.82
N LEU A 133 27.27 -1.67 -19.66
CA LEU A 133 28.11 -1.86 -20.80
C LEU A 133 28.57 -0.61 -21.48
N PRO A 134 29.92 -0.32 -21.40
CA PRO A 134 30.31 0.89 -22.14
C PRO A 134 30.13 0.71 -23.65
N GLU A 135 29.53 1.69 -24.30
CA GLU A 135 29.09 2.85 -23.59
C GLU A 135 28.19 3.37 -24.61
N GLY A 136 27.11 3.97 -24.24
CA GLY A 136 26.25 4.39 -25.29
C GLY A 136 25.47 3.13 -25.52
N ARG A 137 24.88 2.66 -24.42
CA ARG A 137 24.03 1.53 -24.41
C ARG A 137 22.98 2.47 -23.99
N GLN A 138 21.75 2.03 -23.97
CA GLN A 138 20.69 2.91 -23.57
C GLN A 138 20.18 2.52 -22.22
N ARG A 139 20.02 3.48 -21.35
CA ARG A 139 19.53 3.22 -20.03
C ARG A 139 18.07 2.96 -20.10
N GLU A 140 17.60 2.14 -19.19
CA GLU A 140 16.22 1.72 -19.08
C GLU A 140 15.73 1.97 -17.71
N LEU A 141 14.58 2.59 -17.59
CA LEU A 141 14.04 2.97 -16.29
C LEU A 141 12.60 2.46 -16.15
N GLY A 142 12.23 2.17 -14.91
CA GLY A 142 10.87 1.77 -14.58
C GLY A 142 10.13 2.93 -13.92
N PHE A 143 8.94 3.20 -14.40
CA PHE A 143 8.20 4.39 -14.02
C PHE A 143 7.03 3.98 -13.13
N THR A 144 7.07 4.39 -11.87
CA THR A 144 5.96 4.22 -10.94
C THR A 144 5.18 5.53 -10.90
N PHE A 145 3.94 5.48 -11.39
CA PHE A 145 3.11 6.67 -11.61
C PHE A 145 1.83 6.48 -10.79
N SER A 146 1.73 7.23 -9.69
CA SER A 146 0.72 6.96 -8.66
C SER A 146 -0.54 7.81 -8.89
N PHE A 147 -1.10 7.68 -10.08
CA PHE A 147 -2.35 8.31 -10.47
C PHE A 147 -3.14 7.30 -11.27
N PRO A 148 -4.46 7.47 -11.37
CA PRO A 148 -5.28 6.49 -12.11
C PRO A 148 -4.87 6.45 -13.57
N VAL A 149 -4.76 5.23 -14.12
CA VAL A 149 -4.26 5.00 -15.47
C VAL A 149 -5.03 3.83 -16.10
N HIS A 150 -5.36 3.97 -17.38
CA HIS A 150 -5.79 2.85 -18.20
C HIS A 150 -4.55 2.18 -18.80
N GLN A 151 -4.13 1.06 -18.23
CA GLN A 151 -2.94 0.34 -18.69
C GLN A 151 -3.22 -0.32 -20.03
N THR A 152 -2.44 0.02 -21.06
CA THR A 152 -2.59 -0.55 -22.39
C THR A 152 -1.47 -1.51 -22.78
N SER A 153 -0.35 -1.49 -22.05
CA SER A 153 0.75 -2.41 -22.25
C SER A 153 1.65 -2.36 -21.02
N ILE A 154 2.73 -3.14 -21.06
CA ILE A 154 3.68 -3.18 -19.96
C ILE A 154 4.28 -1.79 -19.72
N SER A 155 4.52 -1.05 -20.80
CA SER A 155 5.20 0.23 -20.69
C SER A 155 4.40 1.34 -21.35
N SER A 156 3.12 1.46 -20.98
CA SER A 156 2.24 2.46 -21.58
C SER A 156 0.95 2.50 -20.81
N GLY A 157 0.32 3.68 -20.80
CA GLY A 157 -0.99 3.84 -20.18
C GLY A 157 -1.45 5.28 -20.20
N THR A 158 -2.74 5.48 -20.43
CA THR A 158 -3.32 6.82 -20.51
C THR A 158 -3.88 7.24 -19.15
N LEU A 159 -3.57 8.48 -18.77
CA LEU A 159 -4.07 9.02 -17.51
C LEU A 159 -5.59 9.17 -17.54
N ILE A 160 -6.24 8.68 -16.48
CA ILE A 160 -7.67 8.88 -16.33
C ILE A 160 -7.97 10.29 -15.83
N LYS A 161 -7.42 10.64 -14.67
CA LYS A 161 -7.63 11.97 -14.10
C LYS A 161 -6.49 12.26 -13.12
N TRP A 162 -6.02 13.50 -13.13
CA TRP A 162 -5.09 13.96 -12.11
C TRP A 162 -5.75 13.96 -10.75
N THR A 163 -4.97 13.70 -9.70
CA THR A 163 -5.48 13.63 -8.33
C THR A 163 -4.45 14.24 -7.38
N LYS A 164 -4.62 13.93 -6.09
CA LYS A 164 -3.73 14.23 -4.98
C LYS A 164 -2.86 15.48 -5.16
N GLY A 165 -3.49 16.62 -5.41
CA GLY A 165 -2.80 17.88 -5.44
C GLY A 165 -2.36 18.37 -6.81
N PHE A 166 -2.83 17.72 -7.87
CA PHE A 166 -2.38 18.02 -9.22
C PHE A 166 -3.59 18.41 -10.07
N SER A 167 -3.58 19.63 -10.59
CA SER A 167 -4.54 20.09 -11.59
C SER A 167 -3.72 20.66 -12.75
N ILE A 168 -3.33 19.76 -13.60
CA ILE A 168 -2.52 20.04 -14.77
C ILE A 168 -3.33 19.95 -16.02
N ASN A 169 -3.03 20.91 -16.89
CA ASN A 169 -3.60 21.09 -18.19
C ASN A 169 -2.73 20.21 -19.01
N GLY A 170 -3.17 18.99 -19.26
CA GLY A 170 -2.40 18.08 -20.06
C GLY A 170 -2.43 16.65 -19.59
N THR A 171 -1.86 15.76 -20.40
CA THR A 171 -1.77 14.33 -20.16
C THR A 171 -3.22 14.00 -20.21
N VAL A 172 -3.72 13.07 -19.44
CA VAL A 172 -5.18 12.81 -19.44
C VAL A 172 -5.87 12.40 -20.72
N GLY A 173 -5.60 11.16 -21.08
CA GLY A 173 -6.07 10.52 -22.25
C GLY A 173 -4.90 10.08 -23.08
N GLU A 174 -3.80 10.76 -22.87
CA GLU A 174 -2.57 10.52 -23.54
C GLU A 174 -1.71 9.62 -22.70
N ASP A 175 -0.81 8.91 -23.33
CA ASP A 175 0.08 8.01 -22.66
C ASP A 175 1.05 8.79 -21.79
N VAL A 176 0.95 8.65 -20.48
CA VAL A 176 1.84 9.33 -19.56
C VAL A 176 3.29 8.91 -19.75
N VAL A 177 3.52 7.73 -20.33
CA VAL A 177 4.89 7.30 -20.62
C VAL A 177 5.45 8.07 -21.81
N ALA A 178 4.66 8.22 -22.88
CA ALA A 178 5.09 9.07 -23.98
C ALA A 178 5.33 10.50 -23.51
N GLU A 179 4.51 10.98 -22.57
CA GLU A 179 4.70 12.31 -22.01
C GLU A 179 6.08 12.46 -21.39
N LEU A 180 6.54 11.42 -20.69
CA LEU A 180 7.85 11.44 -20.07
C LEU A 180 8.96 11.32 -21.11
N SER A 181 8.75 10.46 -22.11
CA SER A 181 9.76 10.26 -23.15
C SER A 181 10.06 11.56 -23.88
N ARG A 182 9.02 12.22 -24.40
CA ARG A 182 9.25 13.45 -25.16
C ARG A 182 9.91 14.52 -24.30
N ALA A 183 9.54 14.57 -23.02
CA ALA A 183 10.15 15.52 -22.10
C ALA A 183 11.63 15.23 -21.90
N MET A 184 12.00 13.95 -21.78
CA MET A 184 13.40 13.58 -21.61
C MET A 184 14.23 13.97 -22.82
N GLU A 185 13.73 13.71 -24.02
CA GLU A 185 14.41 14.10 -25.24
C GLU A 185 14.74 15.59 -25.25
N ARG A 186 13.91 16.41 -24.62
CA ARG A 186 14.10 17.85 -24.52
C ARG A 186 15.11 18.26 -23.46
N GLN A 187 15.85 17.34 -22.86
CA GLN A 187 16.70 17.67 -21.72
C GLN A 187 18.24 17.48 -21.80
N GLY A 188 18.81 16.72 -22.74
CA GLY A 188 18.15 15.77 -23.62
C GLY A 188 18.71 14.39 -23.33
N LEU A 189 17.86 13.52 -22.79
CA LEU A 189 18.28 12.27 -22.19
C LEU A 189 17.93 11.09 -23.09
N ASP A 190 18.82 10.12 -23.12
CA ASP A 190 18.63 8.91 -23.87
C ASP A 190 18.26 7.83 -22.86
N MET A 191 16.99 7.61 -22.68
CA MET A 191 16.50 6.62 -21.75
C MET A 191 15.21 6.01 -22.22
N LYS A 192 15.11 4.70 -22.07
CA LYS A 192 13.94 3.99 -22.45
C LYS A 192 13.18 3.60 -21.23
N VAL A 193 11.89 3.77 -21.31
CA VAL A 193 10.99 3.43 -20.23
C VAL A 193 10.44 2.09 -20.54
N THR A 194 10.91 1.11 -19.82
CA THR A 194 10.51 -0.23 -20.03
C THR A 194 9.31 -0.76 -19.29
N ALA A 195 8.84 -0.05 -18.30
CA ALA A 195 7.70 -0.50 -17.57
C ALA A 195 7.04 0.63 -16.87
N LEU A 196 5.73 0.59 -16.83
CA LEU A 196 4.94 1.54 -16.15
C LEU A 196 4.23 0.78 -15.05
N VAL A 197 4.56 1.08 -13.80
CA VAL A 197 4.00 0.37 -12.68
C VAL A 197 3.32 1.17 -11.59
N ASN A 198 2.49 0.46 -10.86
CA ASN A 198 1.78 0.97 -9.74
C ASN A 198 2.66 0.53 -8.58
N ASP A 199 2.73 1.33 -7.54
CA ASP A 199 3.52 1.02 -6.40
C ASP A 199 3.33 -0.37 -5.83
N THR A 200 2.13 -0.92 -5.89
CA THR A 200 1.94 -2.27 -5.35
C THR A 200 2.53 -3.33 -6.26
N VAL A 201 2.36 -3.18 -7.60
CA VAL A 201 2.98 -4.13 -8.52
C VAL A 201 4.48 -4.14 -8.35
N GLY A 202 5.10 -2.96 -8.23
CA GLY A 202 6.53 -2.87 -8.00
C GLY A 202 6.95 -3.38 -6.63
N THR A 203 6.02 -3.50 -5.69
CA THR A 203 6.37 -4.14 -4.41
C THR A 203 6.46 -5.66 -4.58
N LEU A 204 5.49 -6.24 -5.29
CA LEU A 204 5.53 -7.67 -5.60
C LEU A 204 6.75 -8.03 -6.42
N ALA A 205 7.05 -7.24 -7.46
CA ALA A 205 8.23 -7.50 -8.27
C ALA A 205 9.51 -7.48 -7.45
N GLY A 206 9.67 -6.48 -6.58
CA GLY A 206 10.85 -6.43 -5.71
C GLY A 206 10.92 -7.62 -4.76
N GLY A 207 9.78 -7.99 -4.17
CA GLY A 207 9.76 -9.17 -3.32
C GLY A 207 10.06 -10.45 -4.08
N ARG A 208 9.50 -10.58 -5.29
CA ARG A 208 9.77 -11.78 -6.09
C ARG A 208 11.25 -11.91 -6.41
N TYR A 209 11.90 -10.80 -6.75
CA TYR A 209 13.32 -10.80 -7.08
C TYR A 209 14.17 -11.39 -5.95
N VAL A 210 13.68 -11.28 -4.73
CA VAL A 210 14.40 -11.77 -3.59
C VAL A 210 13.95 -13.17 -3.15
N ASP A 211 12.68 -13.45 -3.17
CA ASP A 211 12.16 -14.73 -2.80
C ASP A 211 11.25 -15.19 -3.89
N ASN A 212 11.47 -16.37 -4.41
CA ASN A 212 10.68 -16.88 -5.51
C ASN A 212 9.26 -17.27 -5.22
N ASP A 213 8.88 -17.31 -3.97
CA ASP A 213 7.54 -17.73 -3.66
C ASP A 213 6.55 -16.64 -3.39
N VAL A 214 6.94 -15.43 -3.61
CA VAL A 214 6.08 -14.30 -3.48
C VAL A 214 4.95 -14.42 -4.50
N ALA A 215 3.72 -14.33 -4.05
CA ALA A 215 2.59 -14.43 -4.93
C ALA A 215 1.67 -13.26 -4.85
N ALA A 216 1.89 -12.43 -3.85
CA ALA A 216 1.13 -11.27 -3.59
C ALA A 216 1.96 -10.32 -2.75
N ALA A 217 1.53 -9.07 -2.68
CA ALA A 217 2.15 -7.99 -1.97
C ALA A 217 1.06 -7.09 -1.42
N VAL A 218 1.25 -6.55 -0.24
CA VAL A 218 0.29 -5.69 0.45
C VAL A 218 1.03 -4.47 1.00
N ILE A 219 0.46 -3.30 0.76
CA ILE A 219 0.94 -2.06 1.34
C ILE A 219 -0.04 -1.63 2.42
N LEU A 220 0.45 -1.45 3.61
CA LEU A 220 -0.30 -0.94 4.71
C LEU A 220 0.46 0.27 5.15
N GLY A 221 0.29 1.33 4.41
CA GLY A 221 0.93 2.58 4.73
C GLY A 221 -0.04 3.70 4.88
N THR A 222 0.04 4.67 3.99
CA THR A 222 -0.82 5.83 3.99
C THR A 222 -2.20 5.35 3.58
N GLY A 223 -2.17 4.59 2.52
CA GLY A 223 -3.33 3.95 1.99
C GLY A 223 -3.07 2.46 2.03
N THR A 224 -3.98 1.71 1.45
CA THR A 224 -3.79 0.27 1.39
C THR A 224 -4.09 -0.22 -0.01
N ASN A 225 -3.25 -1.12 -0.52
CA ASN A 225 -3.49 -1.76 -1.81
C ASN A 225 -2.82 -3.12 -1.80
N ALA A 226 -3.20 -3.96 -2.76
CA ALA A 226 -2.64 -5.28 -2.88
C ALA A 226 -2.59 -5.71 -4.34
N ALA A 227 -1.51 -6.37 -4.70
CA ALA A 227 -1.34 -7.01 -5.98
C ALA A 227 -1.07 -8.49 -5.75
N TYR A 228 -1.24 -9.28 -6.77
CA TYR A 228 -1.02 -10.71 -6.68
C TYR A 228 -0.97 -11.33 -8.03
N VAL A 229 -0.34 -12.47 -8.10
CA VAL A 229 -0.20 -13.22 -9.33
C VAL A 229 -1.41 -14.08 -9.55
N GLU A 230 -2.07 -13.87 -10.68
CA GLU A 230 -3.26 -14.59 -11.04
C GLU A 230 -3.10 -15.46 -12.27
N HIS A 231 -3.70 -16.64 -12.25
CA HIS A 231 -3.65 -17.57 -13.40
C HIS A 231 -4.33 -16.89 -14.58
N ALA A 232 -3.62 -16.79 -15.68
CA ALA A 232 -4.16 -16.13 -16.86
C ALA A 232 -5.47 -16.71 -17.40
N ASN A 233 -5.51 -18.01 -17.61
CA ASN A 233 -6.69 -18.67 -18.09
C ASN A 233 -7.39 -19.32 -16.87
N ALA A 234 -8.24 -18.60 -16.18
CA ALA A 234 -8.65 -17.31 -16.60
C ALA A 234 -8.92 -16.06 -15.74
N ILE A 235 -8.64 -14.97 -16.44
CA ILE A 235 -8.95 -13.64 -16.06
C ILE A 235 -9.70 -13.71 -17.35
N PRO A 236 -11.08 -13.81 -17.25
CA PRO A 236 -11.77 -13.96 -18.53
C PRO A 236 -11.83 -12.71 -19.38
N LYS A 237 -11.67 -11.54 -18.81
CA LYS A 237 -11.68 -10.36 -19.60
C LYS A 237 -10.42 -10.17 -20.46
N TRP A 238 -9.50 -11.09 -20.38
CA TRP A 238 -8.24 -11.07 -21.10
C TRP A 238 -7.92 -12.36 -21.82
N THR A 239 -8.57 -13.44 -21.39
CA THR A 239 -8.47 -14.79 -21.93
C THR A 239 -9.80 -15.19 -21.42
N GLY A 240 -10.10 -16.46 -21.09
CA GLY A 240 -9.44 -17.70 -21.48
C GLY A 240 -10.12 -18.21 -22.73
N LEU A 241 -10.06 -17.38 -23.75
CA LEU A 241 -10.70 -17.64 -25.03
C LEU A 241 -10.17 -16.58 -26.01
N LEU A 242 -9.00 -16.74 -26.56
CA LEU A 242 -8.16 -17.89 -26.40
C LEU A 242 -7.23 -17.90 -25.23
N PRO A 243 -6.96 -19.19 -24.80
CA PRO A 243 -6.04 -19.30 -23.65
C PRO A 243 -4.64 -18.73 -23.82
N ARG A 244 -3.99 -18.60 -22.69
CA ARG A 244 -2.67 -18.09 -22.59
C ARG A 244 -1.88 -19.13 -21.87
N SER A 245 -2.30 -19.47 -20.67
CA SER A 245 -1.62 -20.51 -19.89
C SER A 245 -0.44 -20.11 -19.03
N GLY A 246 -0.23 -18.81 -18.86
CA GLY A 246 0.81 -18.30 -18.01
C GLY A 246 0.11 -17.67 -16.83
N ASN A 247 0.69 -16.60 -16.32
CA ASN A 247 0.13 -15.85 -15.20
C ASN A 247 0.09 -14.37 -15.55
N MET A 248 -0.48 -13.59 -14.65
CA MET A 248 -0.59 -12.16 -14.89
C MET A 248 -0.81 -11.45 -13.56
N VAL A 249 0.05 -10.48 -13.26
CA VAL A 249 -0.05 -9.71 -12.04
C VAL A 249 -1.25 -8.78 -12.11
N ILE A 250 -2.07 -8.82 -11.07
CA ILE A 250 -3.30 -8.02 -10.99
C ILE A 250 -3.11 -6.95 -9.92
N ASN A 251 -3.22 -5.69 -10.33
CA ASN A 251 -3.38 -4.58 -9.38
C ASN A 251 -4.84 -4.53 -8.96
N MET A 252 -5.12 -4.91 -7.71
CA MET A 252 -6.51 -5.07 -7.22
C MET A 252 -7.22 -3.74 -7.00
N GLU A 253 -6.51 -2.72 -6.49
CA GLU A 253 -7.16 -1.51 -6.00
C GLU A 253 -8.23 -1.89 -4.98
N TRP A 254 -7.79 -2.59 -3.94
CA TRP A 254 -8.69 -3.19 -2.96
C TRP A 254 -9.09 -2.23 -1.86
N GLY A 255 -8.58 -1.01 -1.85
CA GLY A 255 -8.99 -0.04 -0.86
C GLY A 255 -10.45 0.35 -1.00
N ASN A 256 -10.99 0.24 -2.22
CA ASN A 256 -12.40 0.50 -2.49
C ASN A 256 -13.28 -0.71 -2.22
N PHE A 257 -12.76 -1.79 -1.69
CA PHE A 257 -13.55 -2.95 -1.32
C PHE A 257 -14.60 -2.59 -0.28
N LYS A 258 -15.83 -3.03 -0.45
CA LYS A 258 -16.86 -2.75 0.52
C LYS A 258 -17.72 -3.94 0.68
N SER A 259 -18.19 -4.16 1.88
CA SER A 259 -19.04 -5.28 2.15
C SER A 259 -19.85 -4.94 3.36
N GLU A 260 -21.07 -5.43 3.42
CA GLU A 260 -21.91 -5.16 4.55
C GLU A 260 -21.50 -5.95 5.72
N ARG A 261 -20.46 -6.72 5.56
CA ARG A 261 -19.86 -7.51 6.63
C ARG A 261 -18.70 -6.79 7.32
N LEU A 262 -18.16 -5.74 6.72
CA LEU A 262 -17.11 -4.95 7.37
C LEU A 262 -17.67 -4.31 8.63
N PRO A 263 -17.11 -4.60 9.77
CA PRO A 263 -17.64 -4.07 11.02
C PRO A 263 -17.53 -2.58 11.29
N ARG A 264 -18.29 -1.78 10.57
CA ARG A 264 -18.27 -0.35 10.77
C ARG A 264 -19.03 0.15 11.96
N SER A 265 -18.78 1.38 12.33
CA SER A 265 -19.43 2.00 13.46
C SER A 265 -19.84 3.41 13.09
N ASP A 266 -20.33 4.18 14.03
CA ASP A 266 -20.72 5.54 13.67
C ASP A 266 -19.51 6.43 13.42
N TYR A 267 -18.40 6.19 14.13
CA TYR A 267 -17.19 6.97 13.90
C TYR A 267 -16.65 6.74 12.50
N ASP A 268 -16.78 5.53 11.98
CA ASP A 268 -16.39 5.25 10.60
C ASP A 268 -17.31 5.99 9.62
N ASN A 269 -18.63 5.90 9.84
CA ASN A 269 -19.56 6.63 9.00
C ASN A 269 -19.35 8.13 9.11
N ALA A 270 -19.04 8.61 10.32
CA ALA A 270 -18.78 10.03 10.52
C ALA A 270 -17.49 10.45 9.81
N LEU A 271 -16.43 9.65 9.95
CA LEU A 271 -15.21 9.88 9.19
C LEU A 271 -15.48 9.82 7.69
N ASP A 272 -16.42 8.97 7.28
CA ASP A 272 -16.82 8.90 5.87
C ASP A 272 -17.68 10.08 5.46
N PHE A 273 -18.64 10.46 6.32
CA PHE A 273 -19.50 11.60 6.04
C PHE A 273 -18.69 12.87 5.78
N GLU A 274 -17.55 13.01 6.44
CA GLU A 274 -16.72 14.20 6.30
C GLU A 274 -15.53 13.99 5.36
N SER A 275 -15.34 12.78 4.83
CA SER A 275 -14.23 12.53 3.95
C SER A 275 -14.44 13.25 2.61
N LEU A 276 -13.35 13.33 1.87
CA LEU A 276 -13.29 13.96 0.58
C LEU A 276 -13.65 13.07 -0.56
N ASN A 277 -14.07 11.86 -0.24
CA ASN A 277 -14.60 10.83 -1.16
C ASN A 277 -15.28 10.15 -0.06
N PRO A 278 -16.66 10.16 -0.08
CA PRO A 278 -17.24 9.55 1.11
C PRO A 278 -17.61 8.09 1.03
N GLY A 279 -18.04 7.62 -0.11
CA GLY A 279 -18.46 6.22 -0.03
C GLY A 279 -17.52 5.30 -0.77
N GLU A 280 -16.48 5.90 -1.34
CA GLU A 280 -15.40 5.27 -2.09
C GLU A 280 -14.32 4.91 -1.08
N GLN A 281 -13.45 3.94 -1.34
CA GLN A 281 -12.35 3.57 -0.40
C GLN A 281 -12.67 3.27 1.07
N ILE A 282 -13.75 2.53 1.28
CA ILE A 282 -14.26 2.17 2.59
C ILE A 282 -13.37 1.28 3.40
N TYR A 283 -12.87 0.23 2.80
CA TYR A 283 -11.99 -0.69 3.45
C TYR A 283 -10.74 0.06 3.85
N GLU A 284 -10.30 0.94 2.96
CA GLU A 284 -9.14 1.75 3.24
C GLU A 284 -9.27 2.63 4.48
N LYS A 285 -10.40 3.26 4.68
CA LYS A 285 -10.60 4.10 5.86
C LYS A 285 -10.72 3.30 7.16
N MET A 286 -10.69 1.97 7.10
CA MET A 286 -10.70 1.16 8.30
C MET A 286 -9.34 0.53 8.62
N ILE A 287 -8.45 0.45 7.64
CA ILE A 287 -7.21 -0.31 7.78
C ILE A 287 -5.99 0.62 7.73
N SER A 288 -5.99 1.58 6.82
CA SER A 288 -4.77 2.29 6.49
C SER A 288 -4.38 3.25 7.63
N GLY A 289 -3.19 3.82 7.50
CA GLY A 289 -2.63 4.74 8.47
C GLY A 289 -3.11 6.16 8.51
N MET A 290 -3.63 6.60 7.38
CA MET A 290 -4.19 7.90 7.20
C MET A 290 -5.40 8.08 8.05
N TYR A 291 -5.92 7.01 8.62
CA TYR A 291 -7.17 7.11 9.36
C TYR A 291 -7.15 6.47 10.75
N LEU A 292 -6.18 5.60 11.08
CA LEU A 292 -6.24 4.88 12.35
C LEU A 292 -6.29 5.84 13.53
N GLY A 293 -5.44 6.85 13.54
CA GLY A 293 -5.44 7.84 14.60
C GLY A 293 -6.67 8.73 14.60
N GLU A 294 -7.16 9.06 13.41
CA GLU A 294 -8.42 9.82 13.33
C GLU A 294 -9.56 9.04 13.96
N ILE A 295 -9.53 7.71 13.87
CA ILE A 295 -10.56 6.90 14.50
C ILE A 295 -10.39 6.90 16.01
N VAL A 296 -9.16 6.70 16.49
CA VAL A 296 -8.95 6.73 17.94
C VAL A 296 -9.21 8.13 18.47
N ARG A 297 -9.10 9.15 17.61
CA ARG A 297 -9.41 10.52 18.03
C ARG A 297 -10.89 10.68 18.31
N ARG A 298 -11.74 10.19 17.40
CA ARG A 298 -13.19 10.37 17.57
C ARG A 298 -13.72 9.58 18.75
N ILE A 299 -13.24 8.35 18.93
CA ILE A 299 -13.62 7.55 20.09
C ILE A 299 -13.23 8.24 21.40
N LEU A 300 -12.25 9.12 21.35
CA LEU A 300 -11.80 9.83 22.53
C LEU A 300 -12.63 11.10 22.80
N LEU A 301 -13.12 11.68 21.75
CA LEU A 301 -13.96 12.81 21.85
C LEU A 301 -15.26 12.40 22.56
N LYS A 302 -15.97 11.39 22.06
CA LYS A 302 -17.21 10.92 22.66
C LYS A 302 -16.97 10.76 24.14
N LEU A 303 -15.74 10.51 24.50
CA LEU A 303 -15.39 10.41 25.88
C LEU A 303 -14.99 11.83 26.36
N ALA A 304 -14.97 12.79 25.45
CA ALA A 304 -14.58 14.16 25.77
C ALA A 304 -15.68 15.20 25.61
N HIS A 305 -16.85 14.71 25.21
CA HIS A 305 -17.98 15.55 25.04
C HIS A 305 -19.27 14.90 25.57
N ASP A 306 -19.32 13.59 25.81
CA ASP A 306 -20.53 12.88 26.31
C ASP A 306 -20.16 11.73 27.28
N ALA A 307 -19.08 11.85 28.05
CA ALA A 307 -18.64 10.72 28.87
C ALA A 307 -18.44 10.76 30.38
N SER A 308 -17.29 11.26 30.89
CA SER A 308 -16.19 11.80 30.11
C SER A 308 -14.84 11.27 30.55
N LEU A 309 -13.83 11.54 29.74
CA LEU A 309 -12.50 11.01 29.99
C LEU A 309 -11.54 11.70 30.95
N PHE A 310 -11.33 12.98 30.77
CA PHE A 310 -10.36 13.74 31.55
C PHE A 310 -10.96 14.82 32.44
N GLY A 311 -11.57 14.43 33.54
CA GLY A 311 -12.15 15.40 34.45
C GLY A 311 -13.49 15.95 34.00
N ASP A 312 -13.68 17.25 34.15
CA ASP A 312 -14.96 17.85 33.76
C ASP A 312 -14.80 18.81 32.59
N VAL A 313 -13.70 18.68 31.87
CA VAL A 313 -13.42 19.58 30.77
C VAL A 313 -13.33 18.99 29.36
N VAL A 314 -13.80 19.81 28.42
CA VAL A 314 -13.82 19.51 26.99
C VAL A 314 -12.48 19.87 26.38
N PRO A 315 -11.51 18.87 26.41
CA PRO A 315 -10.19 19.27 25.89
C PRO A 315 -10.14 20.01 24.61
N THR A 316 -9.06 20.74 24.53
CA THR A 316 -8.76 21.64 23.46
C THR A 316 -8.81 21.12 22.04
N LYS A 317 -7.67 21.22 21.37
CA LYS A 317 -7.51 20.83 19.98
C LYS A 317 -7.78 19.38 19.74
N LEU A 318 -8.40 18.75 20.73
CA LEU A 318 -8.82 17.38 20.66
C LEU A 318 -10.01 17.30 19.75
N GLU A 319 -10.59 18.44 19.45
CA GLU A 319 -11.75 18.45 18.62
C GLU A 319 -11.36 18.68 17.21
N GLN A 320 -10.08 18.62 16.87
CA GLN A 320 -9.70 18.88 15.47
C GLN A 320 -9.46 17.66 14.56
N ARG A 321 -9.75 17.77 13.26
CA ARG A 321 -9.50 16.61 12.44
C ARG A 321 -7.99 16.37 12.34
N PHE A 322 -7.62 15.17 11.90
CA PHE A 322 -6.24 14.79 11.58
C PHE A 322 -5.22 15.10 12.68
N ILE A 323 -5.65 15.64 13.83
CA ILE A 323 -4.70 16.18 14.80
C ILE A 323 -3.88 15.06 15.43
N LEU A 324 -4.45 13.86 15.56
CA LEU A 324 -3.75 12.70 16.10
C LEU A 324 -3.40 11.78 14.94
N ARG A 325 -2.17 11.85 14.53
CA ARG A 325 -1.67 11.03 13.45
C ARG A 325 -1.45 9.61 13.88
N THR A 326 -1.47 8.71 12.94
CA THR A 326 -1.23 7.31 13.29
C THR A 326 0.16 7.07 13.89
N PRO A 327 1.23 7.71 13.44
CA PRO A 327 2.49 7.61 14.21
C PRO A 327 2.33 8.06 15.65
N ASP A 328 1.56 9.12 15.89
CA ASP A 328 1.33 9.57 17.25
C ASP A 328 0.50 8.57 18.05
N MET A 329 -0.41 7.85 17.39
CA MET A 329 -1.19 6.86 18.11
C MET A 329 -0.38 5.60 18.39
N SER A 330 0.58 5.27 17.52
CA SER A 330 1.41 4.10 17.75
C SER A 330 2.37 4.32 18.91
N ALA A 331 2.90 5.54 19.06
CA ALA A 331 3.80 5.83 20.16
C ALA A 331 3.10 5.64 21.50
N MET A 332 1.83 6.03 21.59
CA MET A 332 1.06 5.81 22.81
C MET A 332 0.82 4.32 23.05
N HIS A 333 0.49 3.58 21.99
CA HIS A 333 0.07 2.18 22.13
C HIS A 333 1.17 1.33 22.75
N HIS A 334 2.39 1.67 22.40
CA HIS A 334 3.57 0.93 22.79
C HIS A 334 4.20 1.21 24.13
N ASP A 335 3.65 2.12 24.88
CA ASP A 335 4.09 2.48 26.19
C ASP A 335 4.02 1.32 27.17
N THR A 336 5.16 0.81 27.57
CA THR A 336 5.17 -0.31 28.46
C THR A 336 5.55 0.01 29.87
N SER A 337 5.47 1.27 30.23
CA SER A 337 5.80 1.75 31.54
C SER A 337 4.68 1.33 32.43
N HIS A 338 4.91 1.22 33.71
CA HIS A 338 3.87 0.83 34.64
C HIS A 338 2.92 1.95 34.92
N ASP A 339 3.20 3.12 34.42
CA ASP A 339 2.35 4.21 34.70
C ASP A 339 1.91 4.87 33.44
N LEU A 340 2.38 4.39 32.32
CA LEU A 340 2.02 4.98 31.05
C LEU A 340 2.45 6.43 30.93
N LYS A 341 3.70 6.71 31.23
CA LYS A 341 4.18 8.07 31.18
C LYS A 341 4.35 8.74 29.84
N HIS A 342 4.74 7.99 28.81
CA HIS A 342 4.92 8.50 27.45
C HIS A 342 3.55 8.54 26.93
N LEU A 343 2.78 7.48 27.15
CA LEU A 343 1.39 7.65 26.74
C LEU A 343 0.80 8.93 27.31
N GLY A 344 0.85 9.08 28.65
CA GLY A 344 0.39 10.31 29.28
C GLY A 344 1.11 11.55 28.80
N ALA A 345 2.45 11.52 28.78
CA ALA A 345 3.21 12.68 28.29
C ALA A 345 3.31 12.66 26.77
N LYS A 346 2.36 11.99 26.11
CA LYS A 346 2.13 12.25 24.70
C LYS A 346 0.76 12.87 24.49
N LEU A 347 -0.21 12.52 25.33
CA LEU A 347 -1.45 13.26 25.42
C LEU A 347 -1.18 14.74 25.67
N LYS A 348 -0.24 15.03 26.59
CA LYS A 348 0.07 16.41 26.93
C LYS A 348 0.58 17.20 25.74
N ASP A 349 1.12 16.53 24.71
CA ASP A 349 1.73 17.21 23.57
C ASP A 349 0.73 17.45 22.44
N ILE A 350 0.10 16.39 21.94
CA ILE A 350 -0.64 16.48 20.69
C ILE A 350 -1.97 17.21 20.90
N LEU A 351 -2.32 17.51 22.14
CA LEU A 351 -3.65 18.09 22.38
C LEU A 351 -3.60 19.57 22.85
N GLY A 352 -3.01 19.93 23.99
CA GLY A 352 -2.51 19.04 25.03
C GLY A 352 -3.56 18.87 26.10
N VAL A 353 -3.15 18.36 27.26
CA VAL A 353 -4.05 18.04 28.35
C VAL A 353 -3.24 17.78 29.61
N ALA A 354 -3.47 18.61 30.62
CA ALA A 354 -2.59 18.75 31.78
C ALA A 354 -2.23 17.43 32.45
N ASP A 355 -3.12 16.92 33.31
CA ASP A 355 -2.76 15.81 34.19
C ASP A 355 -3.64 14.59 33.96
N THR A 356 -3.38 13.87 32.89
CA THR A 356 -4.11 12.66 32.56
C THR A 356 -3.78 11.61 33.57
N SER A 357 -4.81 10.91 34.02
CA SER A 357 -4.67 9.90 35.05
C SER A 357 -4.58 8.47 34.55
N LEU A 358 -4.25 7.54 35.44
CA LEU A 358 -4.11 6.15 35.11
C LEU A 358 -5.31 5.48 34.50
N GLU A 359 -6.48 5.89 34.92
CA GLU A 359 -7.70 5.33 34.43
C GLU A 359 -7.98 5.96 33.11
N ALA A 360 -7.52 7.19 32.93
CA ALA A 360 -7.65 7.91 31.70
C ALA A 360 -6.52 7.52 30.80
N ARG A 361 -5.37 7.21 31.39
CA ARG A 361 -4.26 6.77 30.54
C ARG A 361 -4.50 5.37 30.01
N TYR A 362 -5.00 4.46 30.86
CA TYR A 362 -5.12 3.06 30.46
C TYR A 362 -6.31 2.86 29.52
N ILE A 363 -7.42 3.56 29.79
CA ILE A 363 -8.54 3.52 28.85
C ILE A 363 -8.09 3.95 27.47
N THR A 364 -7.27 5.00 27.39
CA THR A 364 -6.70 5.41 26.12
C THR A 364 -5.79 4.34 25.53
N LEU A 365 -5.03 3.65 26.38
CA LEU A 365 -4.25 2.51 25.90
C LEU A 365 -5.18 1.42 25.38
N HIS A 366 -6.37 1.30 25.99
CA HIS A 366 -7.34 0.30 25.54
C HIS A 366 -8.02 0.72 24.25
N VAL A 367 -8.17 2.03 24.02
CA VAL A 367 -8.82 2.50 22.79
C VAL A 367 -7.94 2.20 21.59
N CYS A 368 -6.67 2.65 21.62
CA CYS A 368 -5.73 2.29 20.57
C CYS A 368 -5.66 0.78 20.37
N ASP A 369 -5.84 0.03 21.46
CA ASP A 369 -5.75 -1.43 21.41
C ASP A 369 -6.84 -2.08 20.56
N LEU A 370 -7.95 -1.38 20.29
CA LEU A 370 -9.02 -1.95 19.47
C LEU A 370 -9.01 -1.43 18.04
N VAL A 371 -8.75 -0.13 17.84
CA VAL A 371 -8.71 0.43 16.50
C VAL A 371 -7.63 -0.26 15.67
N ALA A 372 -6.44 -0.42 16.25
CA ALA A 372 -5.37 -1.12 15.56
C ALA A 372 -5.70 -2.61 15.40
N GLU A 373 -6.29 -3.23 16.43
CA GLU A 373 -6.63 -4.65 16.32
C GLU A 373 -7.65 -4.87 15.21
N ARG A 374 -8.61 -3.96 15.02
CA ARG A 374 -9.60 -4.16 13.98
C ARG A 374 -8.98 -4.02 12.59
N GLY A 375 -8.07 -3.05 12.42
CA GLY A 375 -7.41 -2.89 11.14
C GLY A 375 -6.52 -4.06 10.80
N ALA A 376 -5.68 -4.50 11.75
CA ALA A 376 -4.76 -5.60 11.48
C ALA A 376 -5.53 -6.90 11.24
N ARG A 377 -6.63 -7.10 11.96
CA ARG A 377 -7.44 -8.31 11.76
C ARG A 377 -8.20 -8.25 10.44
N LEU A 378 -8.69 -7.07 10.04
CA LEU A 378 -9.39 -6.97 8.77
C LEU A 378 -8.43 -7.07 7.59
N ALA A 379 -7.18 -6.64 7.78
CA ALA A 379 -6.20 -6.77 6.70
C ALA A 379 -5.78 -8.21 6.52
N ALA A 380 -5.74 -8.98 7.62
CA ALA A 380 -5.44 -10.40 7.52
C ALA A 380 -6.60 -11.16 6.88
N ALA A 381 -7.80 -10.58 6.93
CA ALA A 381 -8.94 -11.17 6.22
C ALA A 381 -8.84 -10.96 4.71
N GLY A 382 -8.35 -9.80 4.28
CA GLY A 382 -8.09 -9.62 2.86
C GLY A 382 -6.97 -10.53 2.37
N ILE A 383 -5.84 -10.51 3.07
CA ILE A 383 -4.71 -11.38 2.71
C ILE A 383 -5.19 -12.82 2.64
N TYR A 384 -6.04 -13.21 3.59
CA TYR A 384 -6.65 -14.53 3.57
C TYR A 384 -7.53 -14.72 2.35
N GLY A 385 -8.18 -13.63 1.91
CA GLY A 385 -9.03 -13.72 0.74
C GLY A 385 -8.24 -13.96 -0.53
N ILE A 386 -7.12 -13.23 -0.68
CA ILE A 386 -6.22 -13.46 -1.80
C ILE A 386 -5.67 -14.87 -1.78
N LEU A 387 -5.21 -15.33 -0.61
CA LEU A 387 -4.68 -16.68 -0.50
C LEU A 387 -5.72 -17.71 -0.94
N LYS A 388 -6.97 -17.53 -0.53
CA LYS A 388 -8.07 -18.36 -1.02
C LYS A 388 -8.16 -18.33 -2.53
N LYS A 389 -8.21 -17.18 -3.12
CA LYS A 389 -8.30 -17.02 -4.53
C LYS A 389 -7.26 -17.82 -5.32
N LEU A 390 -6.16 -18.14 -4.71
CA LEU A 390 -5.11 -18.85 -5.36
C LEU A 390 -5.02 -20.28 -4.97
N GLY A 391 -5.84 -20.67 -4.01
CA GLY A 391 -5.87 -22.00 -3.51
C GLY A 391 -4.71 -22.32 -2.64
N ARG A 392 -4.26 -21.36 -1.87
CA ARG A 392 -3.14 -21.55 -1.02
C ARG A 392 -3.48 -21.49 0.39
N ASP A 393 -4.75 -21.50 0.69
CA ASP A 393 -5.32 -21.50 2.01
C ASP A 393 -5.58 -22.88 2.65
N ARG A 394 -5.44 -23.93 1.86
CA ARG A 394 -5.65 -25.30 2.32
C ARG A 394 -4.48 -26.10 1.83
N VAL A 395 -4.25 -27.26 2.41
CA VAL A 395 -3.12 -28.13 2.05
C VAL A 395 -3.56 -29.26 1.11
N PRO A 396 -2.66 -29.79 0.28
CA PRO A 396 -3.09 -30.82 -0.67
C PRO A 396 -2.89 -32.23 -0.15
N SER A 397 -2.95 -33.22 -1.05
CA SER A 397 -2.82 -34.61 -0.66
C SER A 397 -1.50 -34.85 0.06
N ASP A 398 -0.49 -34.31 -0.59
CA ASP A 398 0.88 -34.22 -0.10
C ASP A 398 1.98 -33.46 -0.87
N GLY A 399 2.74 -32.71 -0.08
CA GLY A 399 3.83 -31.90 -0.54
C GLY A 399 4.00 -30.69 0.35
N SER A 400 2.96 -30.42 1.12
CA SER A 400 2.90 -29.26 2.03
C SER A 400 2.89 -28.00 1.16
N GLN A 401 2.57 -28.18 -0.11
CA GLN A 401 2.65 -27.11 -1.07
C GLN A 401 4.07 -26.67 -1.16
N LYS A 402 4.87 -27.47 -1.87
CA LYS A 402 6.29 -27.29 -2.11
C LYS A 402 6.50 -25.85 -2.49
N GLN A 403 5.73 -25.37 -3.46
CA GLN A 403 5.74 -23.98 -3.78
C GLN A 403 4.96 -23.45 -2.57
N ARG A 404 5.70 -22.82 -1.67
CA ARG A 404 5.21 -22.22 -0.46
C ARG A 404 4.74 -20.87 -0.87
N THR A 405 4.05 -20.15 -0.01
CA THR A 405 3.55 -18.86 -0.34
C THR A 405 4.07 -17.73 0.51
N VAL A 406 4.73 -16.80 -0.14
CA VAL A 406 5.22 -15.61 0.53
C VAL A 406 4.30 -14.45 0.16
N ILE A 407 4.06 -13.57 1.11
CA ILE A 407 3.27 -12.37 0.89
C ILE A 407 4.14 -11.19 1.28
N ALA A 408 4.55 -10.41 0.29
CA ALA A 408 5.51 -9.34 0.49
C ALA A 408 4.81 -8.11 1.03
N LEU A 409 5.13 -7.72 2.26
CA LEU A 409 4.47 -6.57 2.86
C LEU A 409 5.39 -5.37 2.90
N ASP A 410 4.75 -4.21 2.91
CA ASP A 410 5.42 -2.91 2.82
C ASP A 410 4.59 -1.92 3.63
N GLY A 411 5.03 -0.68 3.65
CA GLY A 411 4.21 0.36 4.26
C GLY A 411 4.58 0.62 5.70
N GLY A 412 4.53 1.90 6.08
CA GLY A 412 4.97 2.31 7.40
C GLY A 412 4.11 1.74 8.52
N LEU A 413 2.85 1.40 8.23
CA LEU A 413 2.02 0.77 9.23
C LEU A 413 2.54 -0.62 9.61
N TYR A 414 2.83 -1.46 8.61
CA TYR A 414 3.39 -2.78 8.89
C TYR A 414 4.78 -2.69 9.49
N GLU A 415 5.56 -1.72 9.02
CA GLU A 415 6.99 -1.61 9.25
C GLU A 415 7.35 -0.89 10.53
N HIS A 416 6.39 -0.19 11.16
CA HIS A 416 6.69 0.69 12.29
C HIS A 416 5.61 0.66 13.37
N TYR A 417 4.64 -0.25 13.26
CA TYR A 417 3.59 -0.44 14.27
C TYR A 417 3.63 -1.93 14.66
N LYS A 418 4.45 -2.25 15.66
CA LYS A 418 4.76 -3.65 15.94
C LYS A 418 3.51 -4.44 16.35
N LYS A 419 2.68 -3.86 17.21
CA LYS A 419 1.45 -4.52 17.61
C LYS A 419 0.46 -4.66 16.48
N PHE A 420 0.60 -3.94 15.38
CA PHE A 420 -0.26 -4.10 14.23
C PHE A 420 0.18 -5.29 13.38
N ARG A 421 1.45 -5.36 13.05
CA ARG A 421 2.06 -6.40 12.28
C ARG A 421 1.97 -7.72 13.03
N THR A 422 2.32 -7.75 14.29
CA THR A 422 2.14 -8.95 15.09
C THR A 422 0.67 -9.40 15.11
N CYS A 423 -0.25 -8.46 15.32
CA CYS A 423 -1.67 -8.82 15.30
C CYS A 423 -2.09 -9.31 13.92
N LEU A 424 -1.56 -8.71 12.87
CA LEU A 424 -1.91 -9.14 11.52
C LEU A 424 -1.44 -10.55 11.24
N GLU A 425 -0.17 -10.83 11.51
CA GLU A 425 0.38 -12.15 11.18
C GLU A 425 -0.13 -13.24 12.10
N ALA A 426 -0.57 -12.89 13.32
CA ALA A 426 -1.19 -13.87 14.19
C ALA A 426 -2.64 -14.14 13.81
N THR A 427 -3.33 -13.16 13.21
CA THR A 427 -4.71 -13.36 12.78
C THR A 427 -4.78 -14.18 11.51
N LEU A 428 -3.89 -13.89 10.54
CA LEU A 428 -3.81 -14.70 9.33
C LEU A 428 -3.51 -16.16 9.65
N ALA A 429 -2.66 -16.41 10.64
CA ALA A 429 -2.35 -17.77 11.07
C ALA A 429 -3.55 -18.50 11.63
N ASP A 430 -4.42 -17.82 12.37
CA ASP A 430 -5.65 -18.45 12.86
C ASP A 430 -6.66 -18.66 11.75
N LEU A 431 -6.70 -17.75 10.77
CA LEU A 431 -7.60 -17.94 9.62
C LEU A 431 -7.18 -19.14 8.81
N LEU A 432 -5.89 -19.27 8.53
CA LEU A 432 -5.33 -20.40 7.84
C LEU A 432 -5.29 -21.29 8.98
N GLY A 433 -5.06 -22.57 8.86
CA GLY A 433 -4.99 -23.41 10.04
C GLY A 433 -3.57 -23.67 10.47
N GLU A 434 -3.38 -24.46 11.50
CA GLU A 434 -2.07 -24.78 11.93
C GLU A 434 -1.27 -25.41 10.81
N GLU A 435 -1.94 -26.27 10.04
CA GLU A 435 -1.32 -26.89 8.88
C GLU A 435 -0.82 -25.83 7.90
N ALA A 436 -1.77 -25.09 7.32
CA ALA A 436 -1.49 -24.19 6.20
C ALA A 436 -0.71 -22.96 6.61
N ALA A 437 -0.75 -22.61 7.87
CA ALA A 437 0.01 -21.47 8.31
C ALA A 437 1.48 -21.64 8.11
N SER A 438 1.99 -22.83 8.37
CA SER A 438 3.38 -23.10 8.21
C SER A 438 3.87 -23.05 6.80
N SER A 439 2.95 -22.94 5.88
CA SER A 439 3.21 -22.88 4.48
C SER A 439 3.09 -21.46 3.85
N VAL A 440 2.71 -20.49 4.66
CA VAL A 440 2.55 -19.11 4.26
C VAL A 440 3.41 -18.20 5.08
N VAL A 441 4.25 -17.44 4.42
CA VAL A 441 5.17 -16.54 5.11
C VAL A 441 4.83 -15.11 4.73
N VAL A 442 4.80 -14.23 5.73
CA VAL A 442 4.66 -12.80 5.52
C VAL A 442 6.03 -12.16 5.69
N LYS A 443 6.50 -11.47 4.66
CA LYS A 443 7.86 -10.98 4.57
C LYS A 443 7.86 -9.50 4.20
N LEU A 444 8.71 -8.73 4.87
CA LEU A 444 8.87 -7.33 4.53
C LEU A 444 9.57 -7.19 3.18
N ALA A 445 8.97 -6.37 2.33
CA ALA A 445 9.49 -6.01 1.03
C ALA A 445 9.53 -4.49 0.97
N ASN A 446 10.64 -3.94 1.42
CA ASN A 446 10.92 -2.52 1.56
C ASN A 446 10.74 -1.32 0.62
N ASP A 447 10.88 -1.41 -0.67
CA ASP A 447 10.71 -0.20 -1.42
C ASP A 447 10.12 -0.70 -2.69
N GLY A 448 8.86 -0.41 -2.90
CA GLY A 448 8.19 -0.93 -4.04
C GLY A 448 8.03 0.05 -5.11
N SER A 449 7.59 1.21 -4.70
CA SER A 449 7.44 2.30 -5.61
C SER A 449 8.82 2.65 -6.17
N GLY A 450 9.85 2.22 -5.47
CA GLY A 450 11.21 2.45 -5.86
C GLY A 450 11.80 1.40 -6.74
N ILE A 451 11.37 0.16 -6.60
CA ILE A 451 11.94 -0.89 -7.44
C ILE A 451 11.04 -1.98 -8.06
N GLY A 452 10.38 -1.76 -9.19
CA GLY A 452 10.40 -0.55 -9.94
C GLY A 452 11.50 -0.77 -10.90
N ALA A 453 12.72 -0.71 -10.40
CA ALA A 453 13.89 -0.88 -11.19
C ALA A 453 14.20 -2.32 -11.38
N ALA A 454 13.82 -3.16 -10.45
CA ALA A 454 14.07 -4.57 -10.58
C ALA A 454 13.15 -5.05 -11.64
N LEU A 455 11.96 -4.49 -11.70
CA LEU A 455 11.01 -4.85 -12.72
C LEU A 455 11.46 -4.32 -14.06
N LEU A 456 12.42 -3.44 -14.05
CA LEU A 456 12.95 -2.88 -15.25
C LEU A 456 14.00 -3.81 -15.81
N ALA A 457 14.75 -4.43 -14.93
CA ALA A 457 15.74 -5.37 -15.30
C ALA A 457 15.07 -6.58 -15.89
N ALA A 458 13.87 -6.88 -15.43
CA ALA A 458 13.15 -8.03 -15.89
C ALA A 458 12.63 -7.90 -17.27
N SER A 459 12.60 -6.71 -17.81
CA SER A 459 12.07 -6.45 -19.14
C SER A 459 13.12 -5.72 -19.96
N HIS A 460 14.16 -6.46 -20.35
CA HIS A 460 15.21 -5.95 -21.23
C HIS A 460 16.02 -4.84 -20.58
#